data_5HLM
#
_entry.id   5HLM
#
_cell.length_a   43.200
_cell.length_b   74.910
_cell.length_c   76.180
_cell.angle_alpha   90.00
_cell.angle_beta   106.17
_cell.angle_gamma   90.00
#
_symmetry.space_group_name_H-M   'P 1 21 1'
#
loop_
_entity.id
_entity.type
_entity.pdbx_description
1 polymer Avidin
2 non-polymer [(1,2,3,4,5-eta)-cyclopentadienyl]{(1,2,3,4,5-eta)-1-[1-hydroxy-5-(2-oxohexahydro-1H-thieno[3,4-d]imidazol-4-yl)pentyl]cyclopentadienyl}iron
3 non-polymer 2-acetamido-2-deoxy-beta-D-glucopyranose
4 water water
#
_entity_poly.entity_id   1
_entity_poly.type   'polypeptide(L)'
_entity_poly.pdbx_seq_one_letter_code
;ARKCSLTGKWTNDLGSNMTIGAVNSRGEFTGTYITAVTATSNEIKESPLHGTQNTINKRTQPTFGFTVNWKFSESTTVFT
GQCFIDRNGKEVLKTMWLLRSSVNDIGDDWKATRVGINIFTRLRTQKE
;
_entity_poly.pdbx_strand_id   A,B,C,D
#
loop_
_chem_comp.id
_chem_comp.type
_chem_comp.name
_chem_comp.formula
B9F non-polymer [(1,2,3,4,5-eta)-cyclopentadienyl]{(1,2,3,4,5-eta)-1-[1-hydroxy-5-(2-oxohexahydro-1H-thieno[3,4-d]imidazol-4-yl)pentyl]cyclopentadienyl}iron 'C20 H26 Fe N2 O2 S'
NAG D-saccharide, beta linking 2-acetamido-2-deoxy-beta-D-glucopyranose 'C8 H15 N O6'
#
# COMPACT_ATOMS: atom_id res chain seq x y z
N LYS A 3 13.43 -13.45 -22.84
CA LYS A 3 12.61 -12.74 -23.86
C LYS A 3 11.16 -12.54 -23.35
N CYS A 4 11.06 -11.83 -22.23
CA CYS A 4 9.80 -11.49 -21.54
C CYS A 4 9.72 -10.01 -21.88
N SER A 5 9.47 -9.69 -23.15
CA SER A 5 9.65 -8.30 -23.63
C SER A 5 8.31 -7.65 -23.56
N LEU A 6 8.30 -6.38 -23.16
CA LEU A 6 7.05 -5.64 -22.92
C LEU A 6 6.27 -5.21 -24.17
N THR A 7 6.96 -5.13 -25.30
CA THR A 7 6.36 -4.72 -26.55
C THR A 7 5.20 -5.67 -26.90
N GLY A 8 4.10 -5.08 -27.37
CA GLY A 8 2.93 -5.84 -27.79
C GLY A 8 1.65 -5.45 -27.05
N LYS A 9 0.66 -6.35 -27.08
CA LYS A 9 -0.66 -6.13 -26.53
C LYS A 9 -0.92 -7.00 -25.28
N TRP A 10 -1.52 -6.42 -24.23
CA TRP A 10 -1.80 -7.13 -22.96
C TRP A 10 -3.24 -6.91 -22.48
N THR A 11 -3.75 -7.87 -21.70
CA THR A 11 -5.09 -7.84 -21.07
C THR A 11 -4.99 -8.23 -19.59
N ASN A 12 -5.89 -7.71 -18.77
CA ASN A 12 -5.85 -8.05 -17.38
C ASN A 12 -7.11 -8.67 -16.82
N ASP A 13 -6.94 -9.18 -15.61
CA ASP A 13 -7.99 -9.73 -14.76
C ASP A 13 -9.33 -8.95 -14.72
N LEU A 14 -9.29 -7.62 -14.91
CA LEU A 14 -10.50 -6.75 -14.90
C LEU A 14 -11.03 -6.47 -16.29
N GLY A 15 -10.37 -6.95 -17.33
CA GLY A 15 -10.80 -6.73 -18.71
C GLY A 15 -10.15 -5.56 -19.43
N SER A 16 -9.23 -4.82 -18.79
CA SER A 16 -8.57 -3.65 -19.42
C SER A 16 -7.51 -4.07 -20.45
N ASN A 17 -7.23 -3.22 -21.42
CA ASN A 17 -6.17 -3.44 -22.42
C ASN A 17 -5.08 -2.40 -22.45
N MET A 18 -3.90 -2.82 -22.87
CA MET A 18 -2.86 -1.89 -23.17
C MET A 18 -1.90 -2.38 -24.28
N THR A 19 -1.47 -1.43 -25.10
CA THR A 19 -0.45 -1.62 -26.08
C THR A 19 0.81 -0.88 -25.72
N ILE A 20 1.94 -1.57 -25.81
CA ILE A 20 3.25 -0.97 -25.59
C ILE A 20 4.04 -1.14 -26.85
N GLY A 21 4.63 -0.04 -27.33
CA GLY A 21 5.55 -0.02 -28.45
C GLY A 21 7.01 -0.42 -28.14
N ALA A 22 7.90 -0.14 -29.07
CA ALA A 22 9.30 -0.58 -28.95
C ALA A 22 9.95 0.05 -27.75
N VAL A 23 10.90 -0.68 -27.18
CA VAL A 23 11.70 -0.20 -26.04
C VAL A 23 13.05 0.23 -26.57
N ASN A 24 13.38 1.53 -26.45
CA ASN A 24 14.66 2.04 -26.95
C ASN A 24 15.86 1.63 -26.08
N SER A 25 17.05 1.93 -26.59
CA SER A 25 18.33 1.55 -25.96
C SER A 25 18.41 1.97 -24.48
N ARG A 26 17.71 3.03 -24.10
CA ARG A 26 17.76 3.54 -22.73
C ARG A 26 16.57 3.07 -21.89
N GLY A 27 15.86 2.02 -22.31
CA GLY A 27 14.76 1.46 -21.56
C GLY A 27 13.42 2.14 -21.66
N GLU A 28 13.29 3.22 -22.40
CA GLU A 28 12.05 3.99 -22.42
C GLU A 28 11.05 3.41 -23.41
N PHE A 29 9.77 3.63 -23.10
CA PHE A 29 8.71 3.19 -24.01
C PHE A 29 7.46 4.02 -23.85
N THR A 30 6.60 3.86 -24.84
CA THR A 30 5.36 4.59 -24.94
C THR A 30 4.24 3.57 -25.27
N GLY A 31 2.98 4.01 -25.15
CA GLY A 31 1.81 3.13 -25.30
C GLY A 31 0.44 3.76 -25.18
N THR A 32 -0.58 2.90 -25.11
CA THR A 32 -1.97 3.30 -24.81
C THR A 32 -2.62 2.34 -23.80
N TYR A 33 -3.55 2.87 -23.00
CA TYR A 33 -4.28 2.09 -22.00
C TYR A 33 -5.76 2.36 -22.16
N ILE A 34 -6.55 1.28 -22.22
CA ILE A 34 -8.00 1.37 -22.29
C ILE A 34 -8.53 0.59 -21.12
N THR A 35 -9.21 1.27 -20.20
CA THR A 35 -9.63 0.63 -18.94
C THR A 35 -11.02 0.11 -19.18
N ALA A 36 -11.30 -1.11 -18.72
CA ALA A 36 -12.66 -1.67 -18.79
C ALA A 36 -13.54 -1.13 -17.67
N VAL A 37 -12.99 -0.53 -16.60
CA VAL A 37 -13.80 -0.10 -15.44
C VAL A 37 -13.61 1.33 -15.05
N THR A 38 -14.70 2.01 -14.66
CA THR A 38 -14.65 3.25 -13.84
C THR A 38 -15.72 3.26 -12.71
N ASN A 42 -17.43 11.21 -16.14
CA ASN A 42 -17.17 11.17 -17.58
C ASN A 42 -17.51 9.82 -18.24
N GLU A 43 -16.99 9.53 -19.44
CA GLU A 43 -16.87 8.16 -19.95
C GLU A 43 -15.45 7.84 -20.47
N ILE A 44 -15.20 6.57 -20.79
CA ILE A 44 -13.85 6.01 -20.92
C ILE A 44 -13.23 6.17 -22.30
N LYS A 45 -11.93 6.43 -22.29
CA LYS A 45 -11.18 6.71 -23.50
C LYS A 45 -9.77 6.14 -23.37
N GLU A 46 -9.25 5.64 -24.49
CA GLU A 46 -7.84 5.47 -24.65
C GLU A 46 -7.06 6.55 -23.91
N SER A 47 -6.03 6.18 -23.18
CA SER A 47 -5.17 7.18 -22.59
C SER A 47 -3.74 6.78 -22.84
N PRO A 48 -2.86 7.76 -23.11
CA PRO A 48 -1.43 7.47 -23.34
C PRO A 48 -0.70 7.09 -22.06
N LEU A 49 0.32 6.24 -22.20
CA LEU A 49 1.19 5.86 -21.09
C LEU A 49 2.65 6.04 -21.46
N HIS A 50 3.47 6.29 -20.43
CA HIS A 50 4.89 6.55 -20.58
C HIS A 50 5.65 5.87 -19.45
N GLY A 51 6.71 5.18 -19.80
CA GLY A 51 7.46 4.44 -18.80
C GLY A 51 8.86 4.07 -19.13
N THR A 52 9.37 3.20 -18.29
CA THR A 52 10.76 2.81 -18.36
C THR A 52 10.96 1.41 -17.83
N GLN A 53 11.91 0.70 -18.41
CA GLN A 53 12.27 -0.62 -17.98
C GLN A 53 13.73 -0.51 -17.59
N ASN A 54 14.13 -1.24 -16.55
CA ASN A 54 15.49 -1.22 -16.07
C ASN A 54 16.37 -2.06 -16.95
N THR A 55 17.65 -1.72 -16.99
CA THR A 55 18.61 -2.35 -17.89
C THR A 55 19.96 -2.64 -17.20
N THR A 60 16.88 -10.28 -17.83
CA THR A 60 15.99 -11.32 -18.40
C THR A 60 14.49 -11.21 -17.96
N GLN A 61 14.28 -10.85 -16.69
CA GLN A 61 12.99 -10.54 -16.13
C GLN A 61 13.21 -9.17 -15.39
N PRO A 62 13.44 -8.08 -16.16
CA PRO A 62 13.76 -6.79 -15.57
C PRO A 62 12.52 -6.12 -15.08
N THR A 63 12.70 -5.23 -14.12
CA THR A 63 11.56 -4.49 -13.51
C THR A 63 11.27 -3.26 -14.36
N PHE A 64 10.09 -2.70 -14.15
CA PHE A 64 9.66 -1.60 -14.93
C PHE A 64 8.61 -0.77 -14.18
N GLY A 65 8.43 0.47 -14.66
CA GLY A 65 7.39 1.35 -14.21
C GLY A 65 6.75 2.18 -15.30
N PHE A 66 5.48 2.57 -15.12
CA PHE A 66 4.85 3.52 -16.05
C PHE A 66 3.70 4.26 -15.42
N THR A 67 3.39 5.41 -16.01
CA THR A 67 2.41 6.38 -15.54
C THR A 67 1.32 6.43 -16.60
N VAL A 68 0.07 6.57 -16.19
CA VAL A 68 -1.06 6.71 -17.13
C VAL A 68 -1.77 8.00 -16.82
N ASN A 69 -1.87 8.83 -17.82
CA ASN A 69 -2.47 10.12 -17.67
C ASN A 69 -3.91 10.09 -18.15
N TRP A 70 -4.87 10.02 -17.23
CA TRP A 70 -6.24 9.74 -17.65
C TRP A 70 -6.80 10.89 -18.46
N LYS A 71 -7.20 10.60 -19.72
CA LYS A 71 -7.81 11.56 -20.61
C LYS A 71 -9.23 12.00 -20.19
N PHE A 72 -9.88 11.31 -19.27
CA PHE A 72 -11.29 11.57 -18.93
C PHE A 72 -11.52 11.92 -17.46
N SER A 73 -10.47 12.13 -16.70
CA SER A 73 -10.57 12.25 -15.22
C SER A 73 -9.38 13.04 -14.77
N GLU A 74 -9.52 13.74 -13.66
CA GLU A 74 -8.41 14.50 -13.07
C GLU A 74 -7.35 13.63 -12.33
N SER A 75 -7.39 12.31 -12.48
CA SER A 75 -6.52 11.41 -11.75
C SER A 75 -5.29 11.01 -12.53
N THR A 76 -4.38 10.34 -11.83
CA THR A 76 -3.20 9.72 -12.40
C THR A 76 -2.98 8.34 -11.73
N THR A 77 -2.57 7.33 -12.51
CA THR A 77 -2.19 6.03 -11.97
C THR A 77 -0.77 5.72 -12.33
N VAL A 78 0.02 5.21 -11.39
CA VAL A 78 1.31 4.64 -11.68
C VAL A 78 1.30 3.16 -11.38
N PHE A 79 1.98 2.39 -12.23
CA PHE A 79 2.10 0.94 -12.16
C PHE A 79 3.56 0.61 -12.08
N THR A 80 3.92 -0.38 -11.30
CA THR A 80 5.26 -0.91 -11.32
C THR A 80 5.12 -2.45 -11.29
N GLY A 81 6.12 -3.14 -11.84
CA GLY A 81 6.09 -4.55 -11.84
C GLY A 81 7.31 -5.18 -12.45
N GLN A 82 7.17 -6.47 -12.74
CA GLN A 82 8.22 -7.31 -13.32
C GLN A 82 7.58 -8.32 -14.27
N CYS A 83 8.35 -8.75 -15.23
CA CYS A 83 7.85 -9.67 -16.22
C CYS A 83 8.33 -11.04 -15.84
N PHE A 84 7.45 -12.03 -15.77
CA PHE A 84 7.88 -13.37 -15.44
C PHE A 84 7.50 -14.37 -16.51
N ILE A 85 8.17 -15.51 -16.47
CA ILE A 85 7.63 -16.70 -17.10
C ILE A 85 7.33 -17.67 -16.00
N ASP A 86 6.08 -18.06 -15.82
CA ASP A 86 5.91 -19.40 -15.13
C ASP A 86 4.76 -20.33 -15.27
N ARG A 87 4.87 -21.33 -14.40
CA ARG A 87 3.86 -22.18 -13.79
C ARG A 87 3.23 -23.13 -14.78
N ASN A 88 2.63 -22.52 -15.79
CA ASN A 88 2.10 -23.21 -16.93
C ASN A 88 2.92 -22.87 -18.19
N GLY A 89 4.03 -22.13 -18.06
CA GLY A 89 4.71 -21.53 -19.23
C GLY A 89 4.29 -20.16 -19.76
N LYS A 90 3.26 -19.59 -19.16
CA LYS A 90 2.71 -18.25 -19.53
C LYS A 90 3.70 -17.05 -19.26
N GLU A 91 3.68 -16.01 -20.14
CA GLU A 91 4.35 -14.73 -19.92
C GLU A 91 3.31 -13.95 -19.15
N VAL A 92 3.75 -13.30 -18.09
CA VAL A 92 2.84 -12.58 -17.20
C VAL A 92 3.56 -11.38 -16.58
N LEU A 93 2.89 -10.24 -16.57
CA LEU A 93 3.36 -9.07 -15.84
C LEU A 93 2.61 -9.04 -14.50
N LYS A 94 3.34 -9.12 -13.41
CA LYS A 94 2.76 -8.88 -12.07
C LYS A 94 3.01 -7.43 -11.65
N THR A 95 1.92 -6.68 -11.46
CA THR A 95 2.00 -5.27 -11.12
C THR A 95 1.26 -4.93 -9.85
N MET A 96 1.71 -3.85 -9.26
CA MET A 96 0.96 -3.12 -8.26
C MET A 96 0.83 -1.65 -8.70
N TRP A 97 -0.30 -1.01 -8.39
CA TRP A 97 -0.48 0.39 -8.75
C TRP A 97 -0.95 1.35 -7.56
N LEU A 98 -0.74 2.65 -7.78
CA LEU A 98 -1.27 3.74 -6.98
C LEU A 98 -2.13 4.66 -7.87
N LEU A 99 -3.34 4.99 -7.43
CA LEU A 99 -4.25 5.85 -8.12
C LEU A 99 -4.48 7.10 -7.20
N ARG A 100 -4.09 8.26 -7.71
CA ARG A 100 -4.13 9.49 -7.02
C ARG A 100 -5.26 10.30 -7.55
N SER A 101 -6.17 10.70 -6.68
CA SER A 101 -7.27 11.61 -7.01
C SER A 101 -6.86 13.03 -6.71
N SER A 102 -7.52 13.95 -7.38
CA SER A 102 -7.33 15.33 -7.17
C SER A 102 -8.13 15.84 -5.96
N VAL A 103 -7.49 16.54 -5.03
CA VAL A 103 -8.21 17.23 -3.94
C VAL A 103 -7.99 18.72 -4.00
N ASN A 104 -8.87 19.49 -3.38
CA ASN A 104 -8.79 20.95 -3.45
C ASN A 104 -7.92 21.57 -2.36
N ASP A 105 -7.86 20.97 -1.19
CA ASP A 105 -7.10 21.50 -0.08
C ASP A 105 -6.11 20.46 0.38
N ILE A 106 -5.02 20.93 0.94
CA ILE A 106 -3.99 20.05 1.50
C ILE A 106 -4.50 19.23 2.71
N GLY A 107 -5.49 19.74 3.44
CA GLY A 107 -6.13 19.04 4.52
C GLY A 107 -6.77 17.68 4.20
N ASP A 108 -7.13 17.48 2.93
CA ASP A 108 -7.75 16.24 2.45
C ASP A 108 -6.81 15.31 1.74
N ASP A 109 -5.53 15.66 1.71
CA ASP A 109 -4.52 14.88 1.01
C ASP A 109 -4.44 13.41 1.49
N TRP A 110 -4.63 13.22 2.81
CA TRP A 110 -4.65 11.89 3.44
C TRP A 110 -5.60 10.86 2.76
N LYS A 111 -6.65 11.32 2.10
CA LYS A 111 -7.69 10.51 1.52
C LYS A 111 -7.60 10.25 -0.05
N ALA A 112 -6.57 10.77 -0.69
CA ALA A 112 -6.49 10.85 -2.16
C ALA A 112 -5.81 9.71 -2.88
N THR A 113 -5.23 8.74 -2.17
CA THR A 113 -4.48 7.63 -2.77
C THR A 113 -5.12 6.26 -2.52
N ARG A 114 -5.40 5.53 -3.59
CA ARG A 114 -5.82 4.13 -3.59
C ARG A 114 -4.71 3.23 -4.16
N VAL A 115 -4.73 1.96 -3.75
CA VAL A 115 -3.75 0.97 -4.10
C VAL A 115 -4.43 -0.32 -4.46
N GLY A 116 -3.79 -1.06 -5.40
CA GLY A 116 -4.18 -2.41 -5.76
C GLY A 116 -3.15 -3.10 -6.64
N ILE A 117 -3.62 -4.18 -7.29
CA ILE A 117 -2.79 -5.01 -8.16
C ILE A 117 -3.43 -5.28 -9.54
N ASN A 118 -2.64 -5.87 -10.45
CA ASN A 118 -3.12 -6.32 -11.75
C ASN A 118 -2.17 -7.31 -12.30
N ILE A 119 -2.72 -8.38 -12.88
CA ILE A 119 -1.96 -9.37 -13.60
C ILE A 119 -2.37 -9.28 -15.06
N PHE A 120 -1.38 -9.09 -15.91
CA PHE A 120 -1.57 -9.07 -17.36
C PHE A 120 -1.02 -10.31 -18.00
N THR A 121 -1.73 -10.78 -19.02
CA THR A 121 -1.26 -11.86 -19.92
C THR A 121 -1.38 -11.38 -21.35
N ARG A 122 -0.68 -12.03 -22.28
CA ARG A 122 -0.70 -11.55 -23.65
C ARG A 122 -2.06 -11.72 -24.31
N LEU A 123 -2.40 -10.73 -25.14
CA LEU A 123 -3.54 -10.84 -26.05
C LEU A 123 -3.14 -11.45 -27.37
N LYS B 3 0.20 28.61 -9.97
CA LYS B 3 1.70 28.72 -9.78
C LYS B 3 2.22 27.72 -8.73
N CYS B 4 2.04 26.45 -9.06
CA CYS B 4 2.63 25.34 -8.36
C CYS B 4 3.19 24.50 -9.51
N SER B 5 4.19 25.01 -10.22
CA SER B 5 4.71 24.36 -11.39
C SER B 5 5.85 23.47 -10.97
N LEU B 6 5.94 22.29 -11.56
CA LEU B 6 6.94 21.29 -11.18
C LEU B 6 8.39 21.57 -11.59
N THR B 7 8.58 22.44 -12.57
CA THR B 7 9.90 22.80 -13.11
C THR B 7 10.76 23.36 -12.00
N GLY B 8 12.02 22.94 -11.96
CA GLY B 8 12.96 23.40 -10.96
C GLY B 8 13.55 22.31 -10.10
N LYS B 9 14.11 22.72 -8.95
CA LYS B 9 14.81 21.83 -8.04
C LYS B 9 14.03 21.58 -6.73
N TRP B 10 14.00 20.33 -6.25
CA TRP B 10 13.26 19.94 -5.03
C TRP B 10 14.08 19.07 -4.07
N THR B 11 13.74 19.16 -2.77
CA THR B 11 14.42 18.39 -1.67
C THR B 11 13.38 17.72 -0.78
N ASN B 12 13.71 16.59 -0.17
CA ASN B 12 12.77 15.97 0.68
C ASN B 12 13.23 15.72 2.09
N ASP B 13 12.24 15.40 2.91
CA ASP B 13 12.34 14.96 4.30
C ASP B 13 13.50 13.97 4.62
N LEU B 14 13.91 13.11 3.68
CA LEU B 14 15.04 12.19 3.85
C LEU B 14 16.36 12.76 3.34
N GLY B 15 16.35 13.96 2.73
CA GLY B 15 17.58 14.56 2.17
C GLY B 15 17.83 14.33 0.68
N SER B 16 16.96 13.61 -0.01
CA SER B 16 17.12 13.38 -1.47
C SER B 16 16.81 14.61 -2.36
N ASN B 17 17.38 14.65 -3.55
CA ASN B 17 17.14 15.77 -4.50
C ASN B 17 16.59 15.33 -5.84
N MET B 18 15.89 16.26 -6.48
CA MET B 18 15.52 16.05 -7.85
C MET B 18 15.33 17.34 -8.63
N THR B 19 15.70 17.27 -9.90
CA THR B 19 15.49 18.36 -10.85
C THR B 19 14.50 17.92 -11.89
N ILE B 20 13.54 18.79 -12.16
CA ILE B 20 12.60 18.58 -13.22
C ILE B 20 12.69 19.74 -14.19
N GLY B 21 12.80 19.41 -15.50
CA GLY B 21 12.85 20.39 -16.57
C GLY B 21 11.49 20.90 -17.00
N ALA B 22 11.43 21.50 -18.18
CA ALA B 22 10.18 22.08 -18.66
C ALA B 22 9.09 21.01 -18.84
N VAL B 23 7.83 21.43 -18.66
CA VAL B 23 6.66 20.61 -18.92
C VAL B 23 6.05 21.01 -20.24
N ASN B 24 6.05 20.11 -21.23
CA ASN B 24 5.54 20.45 -22.59
C ASN B 24 4.01 20.55 -22.60
N SER B 25 3.49 21.00 -23.72
CA SER B 25 2.05 21.17 -23.94
C SER B 25 1.19 19.96 -23.59
N ARG B 26 1.74 18.75 -23.67
CA ARG B 26 0.96 17.53 -23.36
C ARG B 26 1.20 16.99 -21.95
N GLY B 27 1.75 17.81 -21.06
CA GLY B 27 2.02 17.41 -19.69
C GLY B 27 3.27 16.64 -19.38
N GLU B 28 4.11 16.34 -20.35
CA GLU B 28 5.26 15.43 -20.13
C GLU B 28 6.48 16.18 -19.61
N PHE B 29 7.31 15.47 -18.85
CA PHE B 29 8.55 16.07 -18.39
C PHE B 29 9.61 15.04 -18.07
N THR B 30 10.82 15.53 -17.93
CA THR B 30 12.00 14.72 -17.71
C THR B 30 12.79 15.35 -16.57
N GLY B 31 13.80 14.64 -16.06
CA GLY B 31 14.55 15.09 -14.89
C GLY B 31 15.65 14.17 -14.40
N THR B 32 16.15 14.46 -13.20
CA THR B 32 17.13 13.62 -12.52
C THR B 32 16.77 13.50 -11.02
N TYR B 33 17.14 12.38 -10.43
CA TYR B 33 16.91 12.10 -9.05
C TYR B 33 18.19 11.61 -8.37
N ILE B 34 18.53 12.20 -7.23
CA ILE B 34 19.70 11.80 -6.44
C ILE B 34 19.18 11.45 -5.05
N THR B 35 19.29 10.18 -4.67
CA THR B 35 18.71 9.73 -3.40
C THR B 35 19.76 9.85 -2.32
N ALA B 36 19.36 10.34 -1.14
CA ALA B 36 20.29 10.43 -0.01
C ALA B 36 20.45 9.11 0.72
N VAL B 37 19.59 8.11 0.50
CA VAL B 37 19.81 6.81 1.23
C VAL B 37 19.27 5.56 0.55
N ILE B 44 24.91 6.07 -4.27
CA ILE B 44 24.11 7.20 -4.79
C ILE B 44 24.65 7.78 -6.11
N LYS B 45 23.93 7.52 -7.22
CA LYS B 45 24.22 8.16 -8.54
C LYS B 45 22.95 8.78 -9.03
N GLU B 46 23.10 9.98 -9.63
CA GLU B 46 22.07 10.61 -10.47
C GLU B 46 21.34 9.53 -11.21
N SER B 47 20.03 9.55 -11.21
CA SER B 47 19.27 8.65 -12.07
C SER B 47 18.20 9.45 -12.76
N PRO B 48 17.88 9.12 -14.01
CA PRO B 48 16.92 9.86 -14.80
C PRO B 48 15.55 9.50 -14.37
N LEU B 49 14.64 10.46 -14.50
CA LEU B 49 13.19 10.24 -14.25
C LEU B 49 12.33 10.75 -15.41
N HIS B 50 11.15 10.12 -15.58
CA HIS B 50 10.25 10.44 -16.66
C HIS B 50 8.83 10.42 -16.15
N GLY B 51 8.07 11.44 -16.50
CA GLY B 51 6.72 11.54 -16.03
C GLY B 51 5.74 12.43 -16.76
N THR B 52 4.60 12.62 -16.12
CA THR B 52 3.49 13.30 -16.69
C THR B 52 2.66 13.98 -15.65
N GLN B 53 2.10 15.11 -16.02
CA GLN B 53 1.23 15.89 -15.18
C GLN B 53 -0.07 15.99 -15.95
N ASN B 54 -1.19 15.97 -15.25
CA ASN B 54 -2.51 16.04 -15.86
C ASN B 54 -2.82 17.50 -16.23
N THR B 55 -3.65 17.76 -17.25
CA THR B 55 -3.93 19.10 -17.75
C THR B 55 -5.36 19.57 -17.43
N GLN B 61 -1.93 22.79 -8.44
CA GLN B 61 -3.21 22.03 -8.30
C GLN B 61 -3.22 20.65 -8.97
N PRO B 62 -2.62 20.47 -10.17
CA PRO B 62 -2.88 19.21 -10.92
C PRO B 62 -2.09 18.04 -10.34
N THR B 63 -2.58 16.85 -10.57
CA THR B 63 -1.88 15.64 -10.14
C THR B 63 -0.86 15.21 -11.18
N PHE B 64 0.08 14.37 -10.72
CA PHE B 64 1.16 13.96 -11.55
C PHE B 64 1.73 12.62 -11.10
N GLY B 65 2.47 11.96 -12.03
CA GLY B 65 3.21 10.75 -11.76
C GLY B 65 4.56 10.71 -12.42
N PHE B 66 5.50 9.95 -11.86
CA PHE B 66 6.75 9.69 -12.57
C PHE B 66 7.46 8.43 -12.07
N THR B 67 8.38 7.91 -12.90
CA THR B 67 9.12 6.67 -12.72
C THR B 67 10.57 7.01 -12.62
N VAL B 68 11.32 6.32 -11.77
CA VAL B 68 12.75 6.56 -11.62
C VAL B 68 13.48 5.24 -11.89
N ASN B 69 14.37 5.26 -12.85
CA ASN B 69 15.07 4.10 -13.24
C ASN B 69 16.45 4.09 -12.57
N TRP B 70 16.60 3.31 -11.49
CA TRP B 70 17.84 3.40 -10.70
C TRP B 70 19.04 2.93 -11.49
N LYS B 71 20.02 3.83 -11.65
CA LYS B 71 21.29 3.57 -12.32
C LYS B 71 22.24 2.66 -11.53
N PHE B 72 21.99 2.42 -10.24
CA PHE B 72 22.91 1.65 -9.38
C PHE B 72 22.24 0.43 -8.71
N SER B 73 21.02 0.09 -9.11
CA SER B 73 20.29 -0.99 -8.44
C SER B 73 19.34 -1.55 -9.44
N GLU B 74 18.98 -2.83 -9.26
CA GLU B 74 18.02 -3.50 -10.15
C GLU B 74 16.55 -3.10 -9.91
N SER B 75 16.30 -2.07 -9.11
CA SER B 75 14.97 -1.70 -8.74
C SER B 75 14.37 -0.61 -9.63
N THR B 76 13.07 -0.39 -9.44
CA THR B 76 12.36 0.75 -9.99
C THR B 76 11.47 1.39 -8.91
N THR B 77 11.35 2.71 -8.92
CA THR B 77 10.37 3.36 -8.08
C THR B 77 9.41 4.16 -8.90
N VAL B 78 8.11 4.11 -8.58
CA VAL B 78 7.16 5.08 -9.11
C VAL B 78 6.57 5.99 -8.01
N PHE B 79 6.34 7.26 -8.35
CA PHE B 79 5.83 8.25 -7.44
C PHE B 79 4.57 8.76 -8.05
N THR B 80 3.57 9.09 -7.22
CA THR B 80 2.43 9.92 -7.66
C THR B 80 2.08 10.95 -6.55
N GLY B 81 1.49 12.05 -6.93
CA GLY B 81 1.22 13.11 -6.06
C GLY B 81 0.56 14.33 -6.68
N GLN B 82 0.53 15.43 -5.90
CA GLN B 82 -0.14 16.65 -6.22
C GLN B 82 0.63 17.82 -5.61
N CYS B 83 0.52 18.98 -6.24
CA CYS B 83 1.26 20.12 -5.84
C CYS B 83 0.30 21.00 -5.08
N PHE B 84 0.72 21.49 -3.92
CA PHE B 84 -0.09 22.40 -3.12
C PHE B 84 0.60 23.70 -2.72
N ILE B 85 -0.19 24.63 -2.19
CA ILE B 85 0.23 25.91 -1.65
C ILE B 85 -0.73 26.11 -0.51
N ASP B 86 -0.44 27.04 0.37
CA ASP B 86 -1.34 27.31 1.48
C ASP B 86 -1.54 28.79 1.72
N GLY B 89 2.22 31.66 -0.64
CA GLY B 89 2.23 30.36 0.07
C GLY B 89 3.52 29.59 -0.15
N LYS B 90 4.01 28.81 0.82
CA LYS B 90 5.03 27.76 0.57
C LYS B 90 4.50 26.71 -0.45
N GLU B 91 5.35 26.21 -1.35
CA GLU B 91 4.93 25.19 -2.34
C GLU B 91 5.40 23.85 -1.82
N VAL B 92 4.58 22.84 -1.96
CA VAL B 92 4.90 21.52 -1.47
C VAL B 92 4.29 20.44 -2.37
N LEU B 93 5.07 19.41 -2.65
CA LEU B 93 4.57 18.22 -3.34
C LEU B 93 4.35 17.17 -2.30
N LYS B 94 3.12 16.71 -2.17
CA LYS B 94 2.84 15.53 -1.42
C LYS B 94 2.75 14.29 -2.34
N THR B 95 3.64 13.34 -2.09
CA THR B 95 3.70 12.10 -2.84
C THR B 95 3.60 10.85 -2.02
N MET B 96 3.22 9.80 -2.71
CA MET B 96 3.37 8.42 -2.27
C MET B 96 4.13 7.65 -3.32
N TRP B 97 4.92 6.68 -2.92
CA TRP B 97 5.63 5.82 -3.87
C TRP B 97 5.54 4.30 -3.64
N LEU B 98 5.87 3.59 -4.72
CA LEU B 98 6.09 2.12 -4.70
C LEU B 98 7.53 1.82 -5.17
N LEU B 99 8.25 0.96 -4.45
CA LEU B 99 9.58 0.53 -4.83
C LEU B 99 9.55 -0.96 -5.08
N ARG B 100 9.88 -1.36 -6.30
CA ARG B 100 9.82 -2.73 -6.71
C ARG B 100 11.24 -3.29 -6.79
N SER B 101 11.51 -4.36 -6.03
CA SER B 101 12.75 -5.09 -6.13
C SER B 101 12.65 -6.18 -7.17
N SER B 102 13.80 -6.52 -7.72
CA SER B 102 13.91 -7.62 -8.60
C SER B 102 13.97 -8.96 -7.87
N VAL B 103 13.12 -9.90 -8.26
CA VAL B 103 13.22 -11.27 -7.76
C VAL B 103 13.52 -12.22 -8.90
N ASN B 104 14.07 -13.39 -8.60
CA ASN B 104 14.45 -14.36 -9.63
C ASN B 104 13.30 -15.30 -10.04
N ASP B 105 12.43 -15.66 -9.10
CA ASP B 105 11.35 -16.57 -9.36
C ASP B 105 10.03 -15.88 -9.06
N ILE B 106 8.99 -16.30 -9.78
CA ILE B 106 7.64 -15.81 -9.54
C ILE B 106 7.10 -16.15 -8.13
N GLY B 107 7.59 -17.23 -7.53
CA GLY B 107 7.22 -17.63 -6.17
C GLY B 107 7.51 -16.60 -5.07
N ASP B 108 8.47 -15.72 -5.30
CA ASP B 108 8.86 -14.70 -4.36
C ASP B 108 8.29 -13.31 -4.64
N ASP B 109 7.43 -13.23 -5.64
CA ASP B 109 6.88 -11.97 -6.07
C ASP B 109 6.14 -11.24 -4.92
N TRP B 110 5.46 -12.01 -4.06
CA TRP B 110 4.72 -11.49 -2.94
C TRP B 110 5.51 -10.56 -2.01
N LYS B 111 6.82 -10.70 -1.98
CA LYS B 111 7.66 -9.88 -1.14
C LYS B 111 8.48 -8.77 -1.78
N ALA B 112 8.29 -8.48 -3.06
CA ALA B 112 9.08 -7.47 -3.76
C ALA B 112 8.64 -6.01 -3.82
N THR B 113 7.50 -5.66 -3.25
CA THR B 113 7.00 -4.29 -3.31
C THR B 113 6.92 -3.56 -1.90
N ARG B 114 7.58 -2.41 -1.77
CA ARG B 114 7.57 -1.57 -0.61
C ARG B 114 6.81 -0.32 -0.93
N VAL B 115 6.27 0.33 0.09
CA VAL B 115 5.46 1.54 -0.09
C VAL B 115 5.82 2.56 0.92
N GLY B 116 5.71 3.83 0.56
CA GLY B 116 5.92 4.96 1.49
C GLY B 116 5.48 6.31 0.94
N ILE B 117 5.94 7.38 1.60
CA ILE B 117 5.64 8.76 1.26
C ILE B 117 6.85 9.64 1.20
N ASN B 118 6.65 10.85 0.72
CA ASN B 118 7.69 11.87 0.64
C ASN B 118 7.08 13.22 0.37
N ILE B 119 7.63 14.23 1.03
CA ILE B 119 7.20 15.61 0.97
C ILE B 119 8.40 16.40 0.51
N PHE B 120 8.23 17.11 -0.60
CA PHE B 120 9.27 17.92 -1.21
C PHE B 120 8.92 19.38 -1.07
N THR B 121 9.94 20.16 -0.84
CA THR B 121 9.86 21.60 -0.83
C THR B 121 10.96 22.14 -1.75
N ARG B 122 10.81 23.37 -2.20
CA ARG B 122 11.80 23.92 -3.17
C ARG B 122 13.17 24.11 -2.59
N LEU B 123 14.16 23.86 -3.45
CA LEU B 123 15.57 24.22 -3.15
C LEU B 123 15.93 25.58 -3.70
N ARG C 2 14.35 3.17 28.63
CA ARG C 2 14.93 2.48 27.43
C ARG C 2 13.86 1.81 26.52
N LYS C 3 12.64 1.57 27.03
CA LYS C 3 11.54 0.97 26.27
C LYS C 3 10.41 1.95 25.96
N CYS C 4 9.47 1.45 25.21
CA CYS C 4 8.56 2.20 24.43
C CYS C 4 7.18 1.53 24.56
N SER C 5 6.41 1.86 25.61
CA SER C 5 5.19 1.12 25.84
C SER C 5 3.99 1.83 25.20
N LEU C 6 3.12 1.07 24.55
CA LEU C 6 1.95 1.62 23.88
C LEU C 6 0.80 2.14 24.76
N THR C 7 0.75 1.71 26.01
CA THR C 7 -0.29 2.12 26.98
C THR C 7 -0.28 3.64 27.11
N GLY C 8 -1.46 4.24 27.15
CA GLY C 8 -1.63 5.65 27.36
C GLY C 8 -2.37 6.34 26.24
N LYS C 9 -2.20 7.65 26.16
CA LYS C 9 -2.91 8.50 25.25
C LYS C 9 -1.99 9.07 24.14
N TRP C 10 -2.45 9.06 22.88
CA TRP C 10 -1.64 9.50 21.72
C TRP C 10 -2.43 10.49 20.82
N THR C 11 -1.69 11.35 20.10
CA THR C 11 -2.26 12.30 19.12
C THR C 11 -1.49 12.19 17.81
N ASN C 12 -2.15 12.55 16.69
CA ASN C 12 -1.42 12.58 15.47
C ASN C 12 -1.41 13.87 14.71
N ASP C 13 -0.54 13.89 13.70
CA ASP C 13 -0.39 14.92 12.68
C ASP C 13 -1.71 15.49 12.11
N LEU C 14 -2.79 14.70 12.03
CA LEU C 14 -4.14 15.15 11.56
C LEU C 14 -5.09 15.54 12.69
N GLY C 15 -4.66 15.42 13.94
CA GLY C 15 -5.49 15.85 15.09
C GLY C 15 -6.28 14.76 15.79
N SER C 16 -6.18 13.54 15.33
CA SER C 16 -6.92 12.41 15.90
C SER C 16 -6.34 11.95 17.21
N ASN C 17 -7.15 11.34 18.05
CA ASN C 17 -6.70 10.76 19.33
C ASN C 17 -6.96 9.29 19.50
N MET C 18 -6.14 8.69 20.33
CA MET C 18 -6.41 7.34 20.73
C MET C 18 -5.86 7.01 22.14
N THR C 19 -6.61 6.17 22.86
CA THR C 19 -6.20 5.61 24.11
C THR C 19 -6.03 4.09 24.03
N ILE C 20 -4.91 3.62 24.56
CA ILE C 20 -4.59 2.21 24.57
C ILE C 20 -4.39 1.83 25.99
N GLY C 21 -5.06 0.75 26.41
CA GLY C 21 -4.95 0.18 27.72
C GLY C 21 -3.77 -0.73 27.89
N ALA C 22 -3.79 -1.50 28.97
CA ALA C 22 -2.65 -2.33 29.31
C ALA C 22 -2.37 -3.34 28.18
N VAL C 23 -1.10 -3.71 28.04
CA VAL C 23 -0.66 -4.80 27.20
C VAL C 23 -0.40 -6.05 28.04
N ASN C 24 -1.15 -7.10 27.81
CA ASN C 24 -0.96 -8.36 28.60
C ASN C 24 0.32 -9.13 28.22
N SER C 25 0.60 -10.17 28.97
CA SER C 25 1.76 -11.02 28.74
C SER C 25 1.93 -11.51 27.32
N ARG C 26 0.84 -11.66 26.58
CA ARG C 26 0.90 -12.21 25.22
C ARG C 26 0.86 -11.14 24.17
N GLY C 27 1.13 -9.88 24.53
CA GLY C 27 1.15 -8.82 23.60
C GLY C 27 -0.18 -8.21 23.17
N GLU C 28 -1.31 -8.69 23.66
CA GLU C 28 -2.61 -8.16 23.23
C GLU C 28 -3.04 -6.86 23.95
N PHE C 29 -3.86 -6.07 23.26
CA PHE C 29 -4.38 -4.85 23.86
C PHE C 29 -5.67 -4.38 23.25
N THR C 30 -6.33 -3.48 23.96
CA THR C 30 -7.62 -2.88 23.58
C THR C 30 -7.48 -1.36 23.64
N GLY C 31 -8.48 -0.63 23.12
CA GLY C 31 -8.45 0.82 23.14
C GLY C 31 -9.62 1.55 22.50
N THR C 32 -9.47 2.88 22.34
CA THR C 32 -10.46 3.76 21.67
C THR C 32 -9.83 4.76 20.81
N TYR C 33 -10.53 5.13 19.76
CA TYR C 33 -9.97 5.95 18.63
C TYR C 33 -11.00 7.01 18.29
N ILE C 34 -10.58 8.27 18.31
CA ILE C 34 -11.43 9.38 17.94
C ILE C 34 -10.77 10.12 16.82
N THR C 35 -11.40 10.13 15.64
CA THR C 35 -10.75 10.67 14.43
C THR C 35 -11.16 12.09 14.26
N ALA C 36 -10.20 12.95 13.94
CA ALA C 36 -10.49 14.38 13.74
C ALA C 36 -11.07 14.63 12.37
N VAL C 37 -10.94 13.66 11.44
CA VAL C 37 -11.39 13.81 10.06
C VAL C 37 -12.30 12.57 9.74
N ASN C 42 -21.94 12.73 7.91
CA ASN C 42 -22.12 11.82 9.04
C ASN C 42 -21.25 12.24 10.21
N GLU C 43 -21.71 11.93 11.43
CA GLU C 43 -21.04 12.37 12.70
C GLU C 43 -20.16 11.36 13.46
N ILE C 44 -19.02 11.92 13.90
CA ILE C 44 -17.87 11.15 14.39
C ILE C 44 -18.07 10.75 15.87
N LYS C 45 -17.59 9.56 16.20
CA LYS C 45 -17.74 8.95 17.52
C LYS C 45 -16.50 8.12 17.88
N GLU C 46 -16.17 8.11 19.18
CA GLU C 46 -15.28 7.10 19.79
C GLU C 46 -15.50 5.78 19.11
N SER C 47 -14.44 5.09 18.70
CA SER C 47 -14.59 3.75 18.17
C SER C 47 -13.57 2.85 18.85
N PRO C 48 -13.94 1.61 19.15
CA PRO C 48 -13.01 0.65 19.76
C PRO C 48 -11.95 0.15 18.80
N LEU C 49 -10.77 -0.16 19.34
CA LEU C 49 -9.69 -0.78 18.60
C LEU C 49 -9.15 -2.01 19.33
N HIS C 50 -8.58 -2.93 18.55
CA HIS C 50 -8.12 -4.23 19.04
C HIS C 50 -6.80 -4.62 18.31
N GLY C 51 -5.78 -4.99 19.07
CA GLY C 51 -4.45 -5.22 18.46
C GLY C 51 -3.44 -6.03 19.23
N THR C 52 -2.23 -6.03 18.70
CA THR C 52 -1.17 -6.87 19.23
C THR C 52 0.17 -6.17 18.99
N GLN C 53 1.10 -6.44 19.88
CA GLN C 53 2.45 -6.00 19.81
C GLN C 53 3.31 -7.23 19.91
N ASN C 54 4.44 -7.21 19.18
CA ASN C 54 5.32 -8.40 19.06
C ASN C 54 6.18 -8.43 20.28
N THR C 55 6.64 -9.64 20.62
CA THR C 55 7.37 -9.86 21.84
C THR C 55 8.55 -10.81 21.65
N ILE C 56 9.13 -10.88 20.45
CA ILE C 56 10.19 -11.85 20.21
C ILE C 56 11.56 -11.82 20.94
N ASN C 57 12.43 -10.87 20.66
CA ASN C 57 13.81 -11.03 21.15
C ASN C 57 13.74 -9.93 22.20
N LYS C 58 14.86 -9.72 22.87
CA LYS C 58 15.00 -8.68 23.83
C LYS C 58 15.02 -7.30 23.10
N ARG C 59 13.82 -6.86 22.76
CA ARG C 59 13.61 -5.89 21.71
C ARG C 59 12.80 -4.71 22.35
N THR C 60 13.36 -3.49 22.33
CA THR C 60 12.85 -2.35 23.11
C THR C 60 12.01 -1.39 22.28
N GLN C 61 11.89 -1.65 20.97
CA GLN C 61 11.15 -0.89 20.00
C GLN C 61 10.36 -1.89 19.11
N PRO C 62 9.29 -2.46 19.69
CA PRO C 62 8.69 -3.63 19.03
C PRO C 62 7.70 -3.19 18.01
N THR C 63 7.45 -4.03 17.00
CA THR C 63 6.42 -3.73 15.99
C THR C 63 5.05 -4.10 16.55
N PHE C 64 4.04 -3.56 15.90
CA PHE C 64 2.69 -3.79 16.35
C PHE C 64 1.67 -3.52 15.27
N GLY C 65 0.45 -4.01 15.51
CA GLY C 65 -0.68 -3.75 14.61
C GLY C 65 -2.00 -3.60 15.32
N PHE C 66 -2.94 -2.89 14.74
CA PHE C 66 -4.31 -2.93 15.24
C PHE C 66 -5.32 -2.55 14.19
N THR C 67 -6.56 -2.91 14.45
CA THR C 67 -7.77 -2.74 13.61
C THR C 67 -8.73 -1.76 14.32
N VAL C 68 -9.41 -0.91 13.60
CA VAL C 68 -10.37 0.01 14.17
C VAL C 68 -11.70 -0.25 13.48
N ASN C 69 -12.73 -0.55 14.27
CA ASN C 69 -14.01 -0.82 13.78
C ASN C 69 -14.88 0.41 13.85
N TRP C 70 -15.03 1.14 12.73
CA TRP C 70 -15.70 2.43 12.81
C TRP C 70 -17.17 2.26 13.27
N LYS C 71 -17.52 2.94 14.38
CA LYS C 71 -18.89 3.02 14.89
C LYS C 71 -19.87 3.83 14.04
N PHE C 72 -19.38 4.65 13.10
CA PHE C 72 -20.24 5.57 12.34
C PHE C 72 -20.14 5.37 10.82
N SER C 73 -19.50 4.30 10.38
CA SER C 73 -19.26 4.08 8.96
C SER C 73 -19.13 2.60 8.74
N GLU C 74 -19.43 2.14 7.53
CA GLU C 74 -19.25 0.71 7.16
C GLU C 74 -17.81 0.28 6.89
N SER C 75 -16.83 1.12 7.16
CA SER C 75 -15.45 0.85 6.85
C SER C 75 -14.70 0.22 7.97
N THR C 76 -13.46 -0.17 7.66
CA THR C 76 -12.50 -0.64 8.63
C THR C 76 -11.12 -0.05 8.30
N THR C 77 -10.32 0.33 9.30
CA THR C 77 -8.93 0.69 9.07
C THR C 77 -8.01 -0.18 9.82
N VAL C 78 -6.90 -0.63 9.22
CA VAL C 78 -5.86 -1.31 9.98
C VAL C 78 -4.60 -0.43 9.94
N PHE C 79 -3.84 -0.48 11.04
CA PHE C 79 -2.63 0.28 11.22
C PHE C 79 -1.55 -0.66 11.60
N THR C 80 -0.36 -0.43 11.11
CA THR C 80 0.81 -1.22 11.53
C THR C 80 2.02 -0.29 11.59
N GLY C 81 2.94 -0.61 12.50
CA GLY C 81 4.05 0.30 12.77
C GLY C 81 5.09 -0.24 13.69
N GLN C 82 5.93 0.67 14.12
CA GLN C 82 6.89 0.44 15.22
C GLN C 82 6.95 1.63 16.23
N CYS C 83 7.41 1.38 17.45
CA CYS C 83 7.51 2.36 18.50
C CYS C 83 8.96 2.70 18.60
N PHE C 84 9.30 3.97 18.49
CA PHE C 84 10.68 4.32 18.54
C PHE C 84 10.91 5.19 19.78
N ILE C 85 12.15 5.21 20.26
CA ILE C 85 12.60 6.29 21.02
C ILE C 85 13.25 7.09 19.93
N ASP C 86 12.66 8.24 19.68
CA ASP C 86 13.10 9.16 18.70
C ASP C 86 14.42 9.71 19.18
N ARG C 87 15.15 10.24 18.21
CA ARG C 87 16.37 11.00 18.43
C ARG C 87 16.29 12.00 19.66
N ASN C 88 15.10 12.51 19.98
CA ASN C 88 14.86 13.53 21.00
C ASN C 88 14.41 13.03 22.38
N GLY C 89 14.54 11.73 22.64
CA GLY C 89 14.17 11.19 23.91
C GLY C 89 12.71 10.83 23.98
N LYS C 90 11.92 11.37 23.04
CA LYS C 90 10.45 11.20 22.98
C LYS C 90 10.12 9.81 22.49
N GLU C 91 8.86 9.48 22.69
CA GLU C 91 8.30 8.29 22.14
C GLU C 91 7.45 8.66 20.95
N VAL C 92 7.57 7.87 19.89
CA VAL C 92 6.85 8.16 18.65
C VAL C 92 6.47 6.83 18.03
N LEU C 93 5.23 6.75 17.58
CA LEU C 93 4.76 5.58 16.74
C LEU C 93 4.75 5.98 15.26
N LYS C 94 5.58 5.37 14.47
CA LYS C 94 5.51 5.54 12.99
C LYS C 94 4.64 4.44 12.36
N THR C 95 3.54 4.84 11.74
CA THR C 95 2.56 3.90 11.19
C THR C 95 2.21 4.12 9.73
N MET C 96 1.75 3.04 9.10
CA MET C 96 1.08 3.08 7.84
C MET C 96 -0.26 2.45 7.99
N TRP C 97 -1.26 2.94 7.31
CA TRP C 97 -2.55 2.27 7.30
C TRP C 97 -3.17 1.89 5.94
N LEU C 98 -4.16 0.99 6.05
CA LEU C 98 -5.13 0.71 5.00
C LEU C 98 -6.57 1.00 5.46
N LEU C 99 -7.35 1.69 4.63
CA LEU C 99 -8.76 1.94 4.87
C LEU C 99 -9.57 1.25 3.79
N ARG C 100 -10.42 0.33 4.21
CA ARG C 100 -11.23 -0.48 3.32
C ARG C 100 -12.65 0.03 3.40
N SER C 101 -13.18 0.42 2.28
CA SER C 101 -14.59 0.72 2.15
C SER C 101 -15.38 -0.52 1.82
N SER C 102 -16.64 -0.46 2.20
CA SER C 102 -17.62 -1.43 1.78
C SER C 102 -18.14 -1.21 0.31
N VAL C 103 -18.09 -2.26 -0.50
CA VAL C 103 -18.72 -2.26 -1.80
C VAL C 103 -19.77 -3.33 -1.84
N ASN C 104 -20.72 -3.18 -2.75
CA ASN C 104 -21.85 -4.12 -2.86
C ASN C 104 -21.56 -5.30 -3.76
N ASP C 105 -20.76 -5.11 -4.79
CA ASP C 105 -20.47 -6.19 -5.73
C ASP C 105 -18.96 -6.43 -5.75
N ILE C 106 -18.58 -7.66 -6.04
CA ILE C 106 -17.18 -8.02 -6.19
C ILE C 106 -16.50 -7.26 -7.35
N GLY C 107 -17.26 -6.88 -8.37
CA GLY C 107 -16.75 -6.13 -9.54
C GLY C 107 -16.10 -4.80 -9.20
N ASP C 108 -16.46 -4.22 -8.06
CA ASP C 108 -15.95 -2.92 -7.62
C ASP C 108 -14.89 -3.01 -6.54
N ASP C 109 -14.48 -4.21 -6.20
CA ASP C 109 -13.49 -4.45 -5.18
C ASP C 109 -12.18 -3.69 -5.43
N TRP C 110 -11.77 -3.58 -6.70
CA TRP C 110 -10.52 -2.93 -7.11
C TRP C 110 -10.35 -1.51 -6.60
N LYS C 111 -11.45 -0.83 -6.36
CA LYS C 111 -11.41 0.56 -5.96
C LYS C 111 -11.69 0.84 -4.40
N ALA C 112 -11.77 -0.22 -3.59
CA ALA C 112 -12.18 -0.12 -2.20
C ALA C 112 -11.11 0.12 -1.11
N THR C 113 -9.82 0.14 -1.44
CA THR C 113 -8.71 0.29 -0.50
C THR C 113 -7.83 1.54 -0.70
N ARG C 114 -7.71 2.33 0.37
CA ARG C 114 -6.90 3.56 0.45
C ARG C 114 -5.78 3.31 1.36
N VAL C 115 -4.69 4.05 1.16
CA VAL C 115 -3.45 3.91 1.95
C VAL C 115 -2.86 5.27 2.30
N GLY C 116 -2.23 5.35 3.47
CA GLY C 116 -1.50 6.48 3.96
C GLY C 116 -0.64 6.20 5.22
N ILE C 117 -0.20 7.28 5.87
CA ILE C 117 0.64 7.18 7.07
C ILE C 117 0.09 7.96 8.25
N ASN C 118 0.74 7.82 9.41
CA ASN C 118 0.42 8.63 10.61
C ASN C 118 1.54 8.51 11.58
N ILE C 119 1.88 9.63 12.17
CA ILE C 119 2.84 9.70 13.25
C ILE C 119 2.10 10.14 14.52
N PHE C 120 2.26 9.39 15.57
CA PHE C 120 1.67 9.71 16.87
C PHE C 120 2.72 10.03 17.89
N THR C 121 2.39 10.97 18.74
CA THR C 121 3.23 11.37 19.82
C THR C 121 2.40 11.42 21.06
N ARG C 122 3.02 11.37 22.22
CA ARG C 122 2.23 11.33 23.49
C ARG C 122 1.44 12.61 23.78
N LEU C 123 0.24 12.42 24.30
CA LEU C 123 -0.56 13.53 24.82
C LEU C 123 -0.30 13.75 26.30
N LYS D 3 -24.32 -17.85 4.56
CA LYS D 3 -23.01 -17.65 3.87
C LYS D 3 -22.18 -16.48 4.41
N CYS D 4 -21.00 -16.36 3.83
CA CYS D 4 -19.96 -15.39 4.16
C CYS D 4 -19.74 -14.96 5.62
N SER D 5 -19.67 -15.96 6.48
CA SER D 5 -19.29 -15.73 7.87
C SER D 5 -17.85 -16.16 7.94
N LEU D 6 -17.07 -15.41 8.69
CA LEU D 6 -15.63 -15.65 8.75
C LEU D 6 -15.16 -16.89 9.52
N THR D 7 -16.01 -17.38 10.40
CA THR D 7 -15.73 -18.54 11.22
C THR D 7 -15.37 -19.71 10.30
N GLY D 8 -14.32 -20.43 10.65
CA GLY D 8 -13.94 -21.65 9.95
C GLY D 8 -12.51 -21.62 9.48
N LYS D 9 -12.20 -22.48 8.52
CA LYS D 9 -10.86 -22.69 8.00
C LYS D 9 -10.68 -22.18 6.55
N TRP D 10 -9.56 -21.49 6.29
CA TRP D 10 -9.29 -20.85 5.00
C TRP D 10 -7.89 -21.15 4.49
N THR D 11 -7.75 -21.12 3.16
CA THR D 11 -6.48 -21.31 2.46
C THR D 11 -6.26 -20.19 1.43
N ASN D 12 -5.01 -19.85 1.12
CA ASN D 12 -4.78 -18.87 0.10
C ASN D 12 -3.88 -19.30 -1.04
N ASP D 13 -3.90 -18.42 -2.05
CA ASP D 13 -3.11 -18.48 -3.30
C ASP D 13 -1.62 -18.85 -3.11
N LEU D 14 -1.03 -18.53 -1.95
CA LEU D 14 0.37 -18.89 -1.63
C LEU D 14 0.49 -20.21 -0.84
N GLY D 15 -0.62 -20.85 -0.50
CA GLY D 15 -0.61 -22.07 0.34
C GLY D 15 -0.78 -21.91 1.86
N SER D 16 -0.89 -20.68 2.37
CA SER D 16 -1.03 -20.47 3.83
C SER D 16 -2.41 -20.87 4.36
N ASN D 17 -2.50 -21.20 5.63
CA ASN D 17 -3.79 -21.48 6.28
C ASN D 17 -4.14 -20.54 7.44
N MET D 18 -5.45 -20.43 7.71
CA MET D 18 -5.87 -19.80 8.90
C MET D 18 -7.20 -20.30 9.40
N THR D 19 -7.33 -20.34 10.73
CA THR D 19 -8.56 -20.66 11.39
C THR D 19 -9.08 -19.48 12.15
N ILE D 20 -10.36 -19.22 12.00
CA ILE D 20 -11.02 -18.17 12.74
C ILE D 20 -12.15 -18.80 13.51
N GLY D 21 -12.20 -18.49 14.81
CA GLY D 21 -13.30 -18.92 15.72
C GLY D 21 -14.57 -18.07 15.66
N ALA D 22 -15.40 -18.18 16.68
CA ALA D 22 -16.69 -17.49 16.68
C ALA D 22 -16.54 -15.98 16.75
N VAL D 23 -17.50 -15.28 16.14
CA VAL D 23 -17.54 -13.83 16.14
C VAL D 23 -18.55 -13.42 17.18
N ASN D 24 -18.13 -12.71 18.21
CA ASN D 24 -19.04 -12.23 19.25
C ASN D 24 -19.95 -11.08 18.81
N SER D 25 -20.89 -10.73 19.68
CA SER D 25 -21.85 -9.66 19.43
C SER D 25 -21.21 -8.32 18.97
N ARG D 26 -19.97 -8.02 19.37
CA ARG D 26 -19.35 -6.75 19.02
C ARG D 26 -18.39 -6.89 17.84
N GLY D 27 -18.52 -7.97 17.07
CA GLY D 27 -17.71 -8.15 15.88
C GLY D 27 -16.31 -8.66 16.07
N GLU D 28 -15.88 -8.95 17.29
CA GLU D 28 -14.50 -9.39 17.53
C GLU D 28 -14.32 -10.90 17.28
N PHE D 29 -13.10 -11.25 16.88
CA PHE D 29 -12.76 -12.64 16.72
C PHE D 29 -11.29 -12.89 16.90
N THR D 30 -10.98 -14.16 17.12
CA THR D 30 -9.63 -14.61 17.37
C THR D 30 -9.36 -15.79 16.41
N GLY D 31 -8.10 -16.21 16.33
CA GLY D 31 -7.72 -17.24 15.37
C GLY D 31 -6.25 -17.56 15.33
N THR D 32 -5.88 -18.29 14.29
CA THR D 32 -4.57 -18.73 14.08
C THR D 32 -4.16 -18.70 12.64
N TYR D 33 -2.87 -18.53 12.36
CA TYR D 33 -2.36 -18.36 11.00
C TYR D 33 -1.11 -19.20 10.90
N ILE D 34 -1.06 -20.02 9.85
CA ILE D 34 0.14 -20.80 9.55
C ILE D 34 0.54 -20.40 8.14
N THR D 35 1.73 -19.83 7.99
CA THR D 35 2.14 -19.28 6.69
C THR D 35 2.93 -20.33 5.98
N ALA D 36 2.68 -20.47 4.70
CA ALA D 36 3.46 -21.39 3.87
C ALA D 36 4.80 -20.82 3.44
N VAL D 37 5.00 -19.49 3.52
CA VAL D 37 6.23 -18.86 3.04
C VAL D 37 6.87 -18.05 4.07
N THR D 38 8.16 -18.17 4.28
CA THR D 38 8.75 -17.36 5.33
C THR D 38 9.72 -16.38 4.77
N ALA D 39 10.51 -16.83 3.81
CA ALA D 39 11.62 -16.01 3.42
C ALA D 39 12.59 -15.76 4.60
N THR D 40 12.46 -16.53 5.66
CA THR D 40 13.37 -16.43 6.80
C THR D 40 14.04 -17.74 6.97
N SER D 41 14.60 -17.98 8.16
CA SER D 41 15.40 -19.19 8.44
C SER D 41 14.39 -20.19 8.99
N ASN D 42 13.17 -20.10 8.46
CA ASN D 42 12.01 -20.83 8.88
C ASN D 42 11.79 -20.92 10.44
N GLU D 43 11.78 -22.15 10.97
CA GLU D 43 11.06 -22.55 12.13
C GLU D 43 9.63 -22.01 12.19
N ILE D 44 8.96 -21.86 11.03
CA ILE D 44 7.55 -21.44 10.93
C ILE D 44 6.62 -22.10 11.92
N LYS D 45 5.81 -21.27 12.58
CA LYS D 45 4.92 -21.71 13.65
C LYS D 45 3.56 -21.04 13.56
N GLU D 46 2.52 -21.79 13.93
CA GLU D 46 1.18 -21.25 14.26
C GLU D 46 1.39 -19.89 14.88
N SER D 47 0.65 -18.88 14.47
CA SER D 47 0.70 -17.62 15.14
C SER D 47 -0.71 -17.12 15.34
N PRO D 48 -1.00 -16.46 16.52
CA PRO D 48 -2.33 -16.02 16.84
C PRO D 48 -2.66 -14.76 16.09
N LEU D 49 -3.95 -14.59 15.79
CA LEU D 49 -4.45 -13.43 15.12
C LEU D 49 -5.64 -12.86 15.91
N HIS D 50 -5.84 -11.57 15.75
CA HIS D 50 -6.91 -10.85 16.42
C HIS D 50 -7.50 -9.83 15.49
N GLY D 51 -8.81 -9.80 15.42
CA GLY D 51 -9.48 -8.86 14.55
C GLY D 51 -10.94 -8.58 14.81
N THR D 52 -11.53 -7.91 13.84
CA THR D 52 -12.84 -7.33 13.99
C THR D 52 -13.51 -7.26 12.65
N GLN D 53 -14.81 -7.44 12.68
CA GLN D 53 -15.66 -7.35 11.53
C GLN D 53 -16.68 -6.26 11.86
N ASN D 54 -17.04 -5.48 10.86
CA ASN D 54 -17.96 -4.39 11.01
C ASN D 54 -19.34 -4.92 11.06
N THR D 55 -20.23 -4.18 11.73
CA THR D 55 -21.59 -4.63 11.99
C THR D 55 -22.65 -3.55 11.78
N ILE D 56 -22.39 -2.60 10.89
CA ILE D 56 -23.39 -1.59 10.52
C ILE D 56 -24.07 -1.99 9.17
N ASN D 57 -25.40 -1.79 9.06
CA ASN D 57 -26.24 -2.19 7.91
C ASN D 57 -26.04 -3.64 7.40
N LYS D 58 -26.61 -4.62 8.09
CA LYS D 58 -26.50 -6.04 7.69
C LYS D 58 -27.51 -6.49 6.61
N ARG D 59 -27.27 -5.97 5.41
CA ARG D 59 -27.96 -6.43 4.20
C ARG D 59 -27.01 -6.73 3.04
N THR D 60 -25.76 -6.26 3.11
CA THR D 60 -24.67 -6.83 2.32
C THR D 60 -23.48 -7.30 3.19
N GLN D 61 -22.53 -7.91 2.52
CA GLN D 61 -21.30 -8.39 3.19
C GLN D 61 -20.28 -7.48 3.84
N PRO D 62 -20.03 -7.73 5.13
CA PRO D 62 -19.28 -6.79 5.90
C PRO D 62 -17.76 -6.81 5.74
N THR D 63 -17.14 -5.65 5.96
CA THR D 63 -15.69 -5.52 5.93
C THR D 63 -15.10 -5.90 7.23
N PHE D 64 -13.81 -6.17 7.19
CA PHE D 64 -13.12 -6.68 8.37
C PHE D 64 -11.61 -6.40 8.30
N GLY D 65 -10.96 -6.44 9.47
CA GLY D 65 -9.51 -6.31 9.62
C GLY D 65 -8.95 -7.28 10.64
N PHE D 66 -7.70 -7.69 10.48
CA PHE D 66 -7.01 -8.37 11.59
C PHE D 66 -5.47 -8.24 11.52
N THR D 67 -4.83 -8.46 12.66
CA THR D 67 -3.40 -8.34 12.89
C THR D 67 -2.85 -9.70 13.19
N VAL D 68 -1.66 -10.00 12.73
CA VAL D 68 -1.04 -11.28 13.01
C VAL D 68 0.28 -11.02 13.70
N ASN D 69 0.44 -11.60 14.86
CA ASN D 69 1.64 -11.40 15.62
C ASN D 69 2.59 -12.61 15.40
N TRP D 70 3.62 -12.44 14.55
CA TRP D 70 4.46 -13.59 14.19
C TRP D 70 5.23 -14.09 15.43
N LYS D 71 5.01 -15.37 15.74
CA LYS D 71 5.69 -16.10 16.82
C LYS D 71 7.16 -16.46 16.51
N PHE D 72 7.62 -16.33 15.27
CA PHE D 72 8.99 -16.70 14.89
C PHE D 72 9.82 -15.53 14.28
N SER D 73 9.31 -14.31 14.31
CA SER D 73 9.95 -13.20 13.59
C SER D 73 9.55 -11.96 14.32
N GLU D 74 10.39 -10.94 14.25
CA GLU D 74 10.10 -9.61 14.86
C GLU D 74 9.07 -8.77 14.12
N SER D 75 8.40 -9.31 13.13
CA SER D 75 7.51 -8.55 12.24
C SER D 75 6.09 -8.63 12.72
N THR D 76 5.26 -7.83 12.08
CA THR D 76 3.80 -7.88 12.22
C THR D 76 3.14 -7.71 10.83
N THR D 77 2.03 -8.41 10.58
CA THR D 77 1.25 -8.14 9.37
C THR D 77 -0.14 -7.73 9.71
N VAL D 78 -0.71 -6.73 9.02
CA VAL D 78 -2.17 -6.49 9.13
C VAL D 78 -2.84 -6.72 7.78
N PHE D 79 -4.06 -7.22 7.85
CA PHE D 79 -4.88 -7.57 6.68
C PHE D 79 -6.18 -6.84 6.81
N THR D 80 -6.74 -6.38 5.72
CA THR D 80 -8.09 -5.88 5.68
C THR D 80 -8.76 -6.35 4.37
N GLY D 81 -10.08 -6.42 4.38
CA GLY D 81 -10.81 -7.01 3.31
C GLY D 81 -12.29 -7.11 3.51
N GLN D 82 -12.93 -7.85 2.61
CA GLN D 82 -14.41 -8.05 2.56
C GLN D 82 -14.72 -9.42 2.05
N CYS D 83 -15.86 -9.94 2.48
CA CYS D 83 -16.24 -11.34 2.17
C CYS D 83 -17.24 -11.28 1.02
N PHE D 84 -17.02 -12.02 -0.05
CA PHE D 84 -17.92 -11.99 -1.18
C PHE D 84 -18.43 -13.38 -1.57
N ILE D 85 -19.48 -13.42 -2.38
CA ILE D 85 -19.75 -14.58 -3.20
C ILE D 85 -19.23 -14.13 -4.58
N ASP D 86 -18.42 -15.00 -5.19
CA ASP D 86 -17.73 -14.85 -6.48
C ASP D 86 -18.59 -15.32 -7.63
N ARG D 87 -18.21 -14.90 -8.83
CA ARG D 87 -18.78 -15.36 -10.13
C ARG D 87 -19.01 -16.92 -10.21
N ASN D 88 -18.19 -17.71 -9.48
CA ASN D 88 -18.23 -19.20 -9.51
C ASN D 88 -19.00 -19.85 -8.36
N GLY D 89 -19.78 -19.10 -7.60
CA GLY D 89 -20.47 -19.66 -6.44
C GLY D 89 -19.63 -19.76 -5.19
N LYS D 90 -18.31 -19.59 -5.30
CA LYS D 90 -17.40 -19.68 -4.14
C LYS D 90 -17.60 -18.55 -3.11
N GLU D 91 -17.28 -18.81 -1.84
CA GLU D 91 -17.10 -17.79 -0.80
C GLU D 91 -15.66 -17.45 -0.87
N VAL D 92 -15.34 -16.16 -0.80
CA VAL D 92 -14.01 -15.69 -1.03
C VAL D 92 -13.79 -14.44 -0.17
N LEU D 93 -12.63 -14.38 0.49
CA LEU D 93 -12.18 -13.17 1.14
C LEU D 93 -11.13 -12.51 0.22
N LYS D 94 -11.42 -11.31 -0.26
CA LYS D 94 -10.43 -10.49 -0.93
C LYS D 94 -9.77 -9.52 0.10
N THR D 95 -8.46 -9.71 0.31
CA THR D 95 -7.69 -8.91 1.21
C THR D 95 -6.48 -8.19 0.57
N MET D 96 -6.09 -7.11 1.24
CA MET D 96 -4.81 -6.50 1.07
C MET D 96 -4.11 -6.46 2.40
N TRP D 97 -2.78 -6.58 2.39
CA TRP D 97 -2.02 -6.48 3.61
C TRP D 97 -0.81 -5.49 3.60
N LEU D 98 -0.36 -5.20 4.82
CA LEU D 98 0.91 -4.55 5.12
C LEU D 98 1.76 -5.43 6.03
N LEU D 99 3.03 -5.57 5.72
CA LEU D 99 3.99 -6.29 6.53
C LEU D 99 5.08 -5.32 6.97
N ARG D 100 5.21 -5.15 8.27
CA ARG D 100 6.14 -4.25 8.87
C ARG D 100 7.32 -5.05 9.46
N SER D 101 8.53 -4.73 8.99
CA SER D 101 9.76 -5.25 9.58
C SER D 101 10.30 -4.33 10.65
N SER D 102 11.05 -4.94 11.53
CA SER D 102 11.71 -4.22 12.60
C SER D 102 12.99 -3.57 12.12
N VAL D 103 13.16 -2.29 12.34
CA VAL D 103 14.44 -1.62 12.08
C VAL D 103 15.02 -1.14 13.37
N ASN D 104 16.32 -0.92 13.39
CA ASN D 104 17.03 -0.51 14.60
C ASN D 104 17.03 1.00 14.82
N ASP D 105 17.06 1.77 13.74
CA ASP D 105 17.09 3.21 13.86
C ASP D 105 15.89 3.78 13.13
N ILE D 106 15.44 4.93 13.60
CA ILE D 106 14.37 5.67 12.93
C ILE D 106 14.71 6.16 11.52
N GLY D 107 16.00 6.36 11.22
CA GLY D 107 16.48 6.72 9.89
C GLY D 107 16.15 5.75 8.77
N ASP D 108 15.96 4.48 9.11
CA ASP D 108 15.61 3.39 8.16
C ASP D 108 14.16 3.01 8.10
N ASP D 109 13.33 3.76 8.82
CA ASP D 109 11.92 3.49 8.83
C ASP D 109 11.24 3.45 7.41
N TRP D 110 11.66 4.33 6.53
CA TRP D 110 11.12 4.43 5.17
C TRP D 110 11.11 3.13 4.38
N LYS D 111 11.97 2.19 4.72
CA LYS D 111 12.05 0.96 3.99
C LYS D 111 11.45 -0.29 4.66
N ALA D 112 10.76 -0.09 5.77
CA ALA D 112 10.28 -1.17 6.61
C ALA D 112 8.91 -1.75 6.31
N THR D 113 8.15 -1.19 5.37
CA THR D 113 6.81 -1.61 5.09
C THR D 113 6.67 -2.21 3.63
N ARG D 114 6.19 -3.44 3.54
CA ARG D 114 5.83 -4.10 2.26
C ARG D 114 4.33 -4.21 2.15
N VAL D 115 3.83 -4.29 0.90
CA VAL D 115 2.39 -4.37 0.65
C VAL D 115 2.13 -5.46 -0.35
N GLY D 116 0.97 -6.11 -0.23
CA GLY D 116 0.44 -7.02 -1.24
C GLY D 116 -1.03 -7.37 -1.08
N ILE D 117 -1.42 -8.48 -1.71
CA ILE D 117 -2.80 -9.04 -1.66
C ILE D 117 -2.87 -10.55 -1.35
N ASN D 118 -4.07 -11.04 -1.10
CA ASN D 118 -4.30 -12.45 -0.84
C ASN D 118 -5.76 -12.72 -0.99
N ILE D 119 -6.05 -13.86 -1.62
CA ILE D 119 -7.42 -14.35 -1.83
C ILE D 119 -7.50 -15.68 -1.09
N PHE D 120 -8.48 -15.78 -0.21
CA PHE D 120 -8.74 -17.00 0.55
C PHE D 120 -10.02 -17.62 0.10
N THR D 121 -10.02 -18.95 0.06
CA THR D 121 -11.21 -19.76 -0.21
C THR D 121 -11.33 -20.80 0.90
N ARG D 122 -12.52 -21.31 1.11
CA ARG D 122 -12.71 -22.28 2.20
C ARG D 122 -11.93 -23.57 2.01
N LEU D 123 -11.44 -24.08 3.13
CA LEU D 123 -10.89 -25.44 3.21
C LEU D 123 -11.94 -26.45 3.62
O12 B9F E . -12.12 7.90 -12.59
C11 B9F E . -11.96 6.51 -12.44
C17 B9F E . -12.62 6.05 -11.19
C16 B9F E . -12.08 5.16 -10.20
C15 B9F E . -12.99 5.06 -9.13
C14 B9F E . -14.11 5.87 -9.44
C18 B9F E . -13.88 6.48 -10.69
C10 B9F E . -10.44 6.30 -12.51
C9 B9F E . -10.19 5.07 -13.37
C8 B9F E . -8.85 4.42 -13.13
C7 B9F E . -8.92 2.93 -13.44
C2 B9F E . -8.05 2.09 -12.53
C4 B9F E . -8.22 0.59 -12.61
N2 B9F E . -8.23 0.09 -13.95
C3 B9F E . -7.26 -0.82 -14.20
O3 B9F E . -7.09 -1.40 -15.27
S1 B9F E . -6.28 2.34 -12.84
C6 B9F E . -5.91 0.98 -11.72
C5 B9F E . -6.95 -0.10 -12.02
N1 B9F E . -6.55 -0.99 -13.08
C19 B9F E . -10.54 7.97 -9.29
C20 B9F E . -11.55 8.91 -9.63
C21 B9F E . -12.54 8.93 -8.62
C22 B9F E . -12.13 8.00 -7.62
C23 B9F E . -10.91 7.40 -8.04
FE1 B9F E . -12.36 7.02 -9.40
C1 NAG F . -9.40 -5.37 -25.36
C2 NAG F . -10.85 -4.92 -25.36
C3 NAG F . -11.74 -6.15 -25.30
C4 NAG F . -11.40 -7.16 -26.40
C5 NAG F . -9.89 -7.43 -26.47
C6 NAG F . -9.57 -8.32 -27.67
C7 NAG F . -11.20 -2.83 -24.13
C8 NAG F . -11.69 -2.29 -22.82
N2 NAG F . -11.26 -4.15 -24.21
O3 NAG F . -13.08 -5.71 -25.50
O4 NAG F . -12.08 -8.36 -26.05
O5 NAG F . -9.15 -6.19 -26.50
O6 NAG F . -8.85 -7.62 -28.69
O7 NAG F . -10.77 -2.13 -25.04
O12 B9F G . 16.43 -0.10 -4.24
C11 B9F G . 17.60 0.71 -4.08
C17 B9F G . 18.20 0.50 -2.72
C16 B9F G . 19.30 -0.36 -2.39
C15 B9F G . 19.51 -0.30 -0.99
C14 B9F G . 18.58 0.59 -0.44
C18 B9F G . 17.77 1.08 -1.48
C10 B9F G . 17.31 2.15 -4.46
C9 B9F G . 16.43 2.90 -3.49
C8 B9F G . 15.78 4.12 -4.06
C7 B9F G . 15.50 5.17 -2.98
C2 B9F G . 14.10 5.10 -2.41
C4 B9F G . 13.90 6.02 -1.21
N2 B9F G . 14.55 7.30 -1.37
C3 B9F G . 13.69 8.33 -1.51
O3 B9F G . 13.98 9.47 -1.76
S1 B9F G . 12.84 5.66 -3.60
C6 B9F G . 11.67 5.73 -2.23
C5 B9F G . 12.39 6.44 -1.14
N1 B9F G . 12.44 7.87 -1.35
C19 B9F G . 15.66 -1.66 -1.64
C20 B9F G . 16.03 -1.72 -0.28
C21 B9F G . 17.18 -2.56 -0.14
C22 B9F G . 17.50 -3.03 -1.44
C23 B9F G . 16.56 -2.50 -2.36
FE1 B9F G . 17.58 -0.97 -1.39
C1 NAG H . 21.02 17.80 -2.74
C2 NAG H . 22.04 16.67 -2.58
C3 NAG H . 23.04 17.03 -1.52
C4 NAG H . 23.70 18.33 -1.86
C5 NAG H . 22.64 19.42 -1.97
C6 NAG H . 23.19 20.79 -2.37
C7 NAG H . 22.02 14.29 -2.58
C8 NAG H . 21.57 13.02 -1.93
N2 NAG H . 21.45 15.42 -2.17
O3 NAG H . 24.04 16.01 -1.35
O4 NAG H . 24.74 18.60 -0.91
O5 NAG H . 21.69 19.08 -2.97
O6 NAG H . 22.09 21.65 -2.70
O7 NAG H . 22.90 14.32 -3.41
O12 B9F I . -14.79 5.73 6.12
C11 B9F I . -14.66 6.77 7.08
C17 B9F I . -14.65 8.11 6.40
C16 B9F I . -13.50 8.85 5.96
C15 B9F I . -13.96 10.04 5.33
C14 B9F I . -15.36 10.04 5.38
C18 B9F I . -15.79 8.87 6.03
C10 B9F I . -13.37 6.44 7.81
C9 B9F I . -12.82 7.44 8.80
C8 B9F I . -11.50 7.04 9.39
C7 B9F I . -10.43 8.10 9.54
C2 B9F I . -9.12 7.79 8.82
C4 B9F I . -8.11 8.89 9.08
N2 B9F I . -8.07 9.33 10.47
C3 B9F I . -6.84 9.16 11.00
O3 B9F I . -6.51 9.40 12.17
S1 B9F I . -8.30 6.27 9.38
C6 B9F I . -6.76 6.82 8.60
C5 B9F I . -6.68 8.32 8.84
N1 B9F I . -6.01 8.65 10.08
C19 B9F I . -15.57 6.90 3.18
C20 B9F I . -15.74 8.17 2.59
C21 B9F I . -14.45 8.71 2.34
C22 B9F I . -13.48 7.78 2.79
C23 B9F I . -14.18 6.66 3.30
FE1 B9F I . -14.69 8.36 4.35
C1 NAG J . -7.74 14.95 21.63
C2 NAG J . -9.10 15.57 21.38
C3 NAG J . -9.13 17.11 21.67
C4 NAG J . -8.14 17.60 22.72
C5 NAG J . -6.84 16.84 22.65
C6 NAG J . -5.87 17.29 23.72
C7 NAG J . -10.55 15.14 19.37
C8 NAG J . -10.56 15.07 17.86
N2 NAG J . -9.36 15.38 19.94
O3 NAG J . -10.39 17.47 22.26
O4 NAG J . -7.89 18.97 22.40
O5 NAG J . -7.11 15.47 22.79
O6 NAG J . -4.88 18.11 23.08
O7 NAG J . -11.58 14.98 19.99
O12 B9F K . 8.27 -11.32 8.34
C11 B9F K . 8.73 -12.64 8.08
C17 B9F K . 9.55 -12.62 6.84
C16 B9F K . 10.90 -13.08 6.70
C15 B9F K . 11.34 -12.79 5.39
C14 B9F K . 10.28 -12.14 4.71
C18 B9F K . 9.18 -12.04 5.59
C10 B9F K . 7.59 -13.63 8.08
C9 B9F K . 6.20 -13.16 7.70
C8 B9F K . 5.86 -13.36 6.24
C7 B9F K . 4.40 -13.75 5.98
C2 B9F K . 3.70 -12.86 4.94
C4 B9F K . 3.23 -13.55 3.67
N2 B9F K . 2.54 -14.78 3.91
C3 B9F K . 1.25 -14.79 3.55
O3 B9F K . 0.45 -15.71 3.73
S1 B9F K . 2.20 -12.09 5.60
C6 B9F K . 1.83 -11.49 3.93
C5 B9F K . 2.09 -12.68 3.02
N1 B9F K . 0.97 -13.61 2.97
C19 B9F K . 11.80 -10.17 7.95
C20 B9F K . 10.61 -9.46 7.67
C21 B9F K . 10.64 -9.02 6.32
C22 B9F K . 11.88 -9.44 5.77
C23 B9F K . 12.58 -10.17 6.76
FE1 B9F K . 10.77 -11.04 6.40
C1 NAG L . -3.19 -26.26 5.43
C2 NAG L . -1.74 -26.72 5.44
C3 NAG L . -1.61 -28.01 4.62
C4 NAG L . -2.59 -29.08 5.12
C5 NAG L . -4.01 -28.52 5.09
C6 NAG L . -5.07 -29.55 5.53
C7 NAG L . 0.39 -25.52 5.42
C8 NAG L . 1.35 -24.66 4.60
N2 NAG L . -0.82 -25.74 4.89
O3 NAG L . -0.26 -28.53 4.67
O4 NAG L . -2.46 -30.25 4.32
O5 NAG L . -4.09 -27.32 5.90
O6 NAG L . -6.03 -29.02 6.47
O7 NAG L . 0.73 -26.01 6.50
#